data_4E7L
#
_entry.id   4E7L
#
_cell.length_a   159.078
_cell.length_b   159.078
_cell.length_c   126.814
_cell.angle_alpha   90.00
_cell.angle_beta   90.00
_cell.angle_gamma   90.00
#
_symmetry.space_group_name_H-M   'P 41 21 2'
#
loop_
_entity.id
_entity.type
_entity.pdbx_description
1 polymer 'Pro-Pol polyprotein'
2 polymer "DNA (5'-D(*AP*TP*TP*GP*TP*CP*AP*TP*GP*GP*AP*AP*TP*TP*TP*CP*GP*CP*A)-3')"
3 polymer "DNA (5'-D(*TP*GP*CP*GP*AP*AP*AP*TP*TP*CP*CP*AP*TP*GP*AP*CP*A)-3')"
4 polymer "DNA (5'-D(*CP*CP*CP*GP*AP*GP*GP*CP*AP*CP*GP*TP*G)-3')"
5 polymer "DNA (5'-D(P*CP*TP*AP*GP*CP*AP*CP*GP*TP*GP*CP*CP*TP*CP*GP*GP*G)-3')"
6 non-polymer 'ZINC ION'
7 non-polymer 'MANGANESE (II) ION'
8 non-polymer 'SULFATE ION'
#
loop_
_entity_poly.entity_id
_entity_poly.type
_entity_poly.pdbx_seq_one_letter_code
_entity_poly.pdbx_strand_id
1 'polypeptide(L)'
;GPGCNTKKPNLDAELDQLLQGHYIKGYPKQYTYFLEDGKVKVSRPEGVKIIPPQSDRQKIVLQAHNLAHTGREATLLKIA
NLYWWPNMRKDVVKQLGRCQQCLITNASNKASGPILRPDRPQKPFDKFFIDYIGPLPPSQGYLYVLVVVDGMTGFTWLYP
TKAPSTSATVKSLNVLTSIAIPKVIHSDQGAAFTSSTFAEWAKERGIHLEFSTPYHPQSSGKVERKNSDIKRLLTKLLVG
RPTKWYDLLPVVQLALNNTYSPVLKYTPHQLLFGIDSNTPFANQDTLDLTREEELSLLQEIRTSLYHPSTPPASSRSWSP
VVGQLVQERVARPASLRPRWHKPSTVLKVLNPRTVVILDHLGNNRTVSIDNLKPTSHQNGTTNDTATMDHLEKNE
;
A,B
2 'polydeoxyribonucleotide' (DA)(DT)(DT)(DG)(DT)(DC)(DA)(DT)(DG)(DG)(DA)(DA)(DT)(DT)(DT)(DC)(DG)(DC)(DA) C
3 'polydeoxyribonucleotide' (DT)(DG)(DC)(DG)(DA)(DA)(DA)(DT)(DT)(DC)(DC)(DA)(DT)(DG)(DA)(DC)(DA) D
4 'polydeoxyribonucleotide' (DC)(DC)(DC)(DG)(DA)(DG)(DG)(DC)(DA)(DC)(DG)(DT)(DG) t
5 'polydeoxyribonucleotide' (DC)(DT)(DA)(DG)(DC)(DA)(DC)(DG)(DT)(DG)(DC)(DC)(DT)(DC)(DG)(DG)(DG) T
#
# COMPACT_ATOMS: atom_id res chain seq x y z
N ALA A 13 56.40 31.44 9.35
CA ALA A 13 57.20 32.03 8.27
C ALA A 13 56.34 32.91 7.36
N GLU A 14 55.14 32.44 7.03
CA GLU A 14 54.15 33.23 6.32
C GLU A 14 53.80 34.52 7.09
N LEU A 15 53.88 34.45 8.42
CA LEU A 15 53.55 35.56 9.31
C LEU A 15 54.73 36.51 9.49
N ASP A 16 55.92 36.03 9.16
CA ASP A 16 57.13 36.82 9.23
C ASP A 16 57.00 38.04 8.31
N GLN A 17 56.43 37.82 7.12
CA GLN A 17 56.29 38.87 6.12
C GLN A 17 55.27 39.93 6.52
N LEU A 18 54.30 39.55 7.35
CA LEU A 18 53.36 40.51 7.90
C LEU A 18 54.12 41.53 8.71
N LEU A 19 55.00 41.02 9.56
CA LEU A 19 55.83 41.87 10.41
C LEU A 19 56.81 42.70 9.57
N GLN A 20 57.06 42.27 8.35
CA GLN A 20 57.86 43.04 7.40
C GLN A 20 56.96 43.88 6.50
N GLY A 21 55.88 44.41 7.08
CA GLY A 21 54.94 45.28 6.39
C GLY A 21 54.43 44.78 5.04
N HIS A 22 54.59 43.49 4.76
CA HIS A 22 54.17 42.95 3.47
C HIS A 22 52.71 42.50 3.52
N TYR A 23 51.95 42.81 2.46
CA TYR A 23 50.55 42.39 2.36
C TYR A 23 50.41 40.92 1.96
N ILE A 24 49.53 40.19 2.65
CA ILE A 24 49.23 38.79 2.31
C ILE A 24 47.73 38.55 2.14
N LYS A 25 47.32 38.09 0.96
CA LYS A 25 45.90 37.98 0.59
C LYS A 25 45.00 37.42 1.70
N GLY A 26 44.22 38.30 2.33
CA GLY A 26 43.32 37.90 3.39
C GLY A 26 43.60 38.63 4.69
N TYR A 27 44.84 39.12 4.84
CA TYR A 27 45.24 39.86 6.04
C TYR A 27 45.12 41.36 5.79
N PRO A 28 44.05 41.98 6.30
CA PRO A 28 43.81 43.40 6.04
C PRO A 28 44.96 44.29 6.51
N LYS A 29 45.41 45.20 5.67
CA LYS A 29 46.60 46.01 5.96
C LYS A 29 46.37 46.99 7.11
N GLN A 30 45.14 47.52 7.17
CA GLN A 30 44.80 48.59 8.12
C GLN A 30 45.09 48.20 9.56
N TYR A 31 45.09 46.90 9.82
CA TYR A 31 45.37 46.38 11.15
C TYR A 31 46.85 46.27 11.44
N THR A 32 47.19 46.46 12.71
CA THR A 32 48.58 46.38 13.15
C THR A 32 48.89 44.99 13.71
N TYR A 33 49.67 44.22 12.95
CA TYR A 33 50.12 42.91 13.42
C TYR A 33 51.50 43.04 14.06
N PHE A 34 51.70 42.34 15.18
CA PHE A 34 52.96 42.44 15.92
C PHE A 34 53.30 41.15 16.68
N LEU A 35 54.47 41.12 17.31
CA LEU A 35 54.84 40.00 18.18
C LEU A 35 54.71 40.38 19.65
N GLU A 36 54.22 39.43 20.44
CA GLU A 36 54.26 39.54 21.89
C GLU A 36 54.33 38.13 22.46
N ASP A 37 55.02 37.97 23.59
CA ASP A 37 55.30 36.67 24.21
C ASP A 37 55.35 35.48 23.24
N GLY A 38 56.25 35.59 22.25
CA GLY A 38 56.52 34.50 21.34
C GLY A 38 55.37 34.17 20.40
N LYS A 39 54.37 35.03 20.34
CA LYS A 39 53.21 34.81 19.48
C LYS A 39 52.92 36.03 18.63
N VAL A 40 52.45 35.80 17.40
CA VAL A 40 52.03 36.92 16.55
C VAL A 40 50.59 37.28 16.87
N LYS A 41 50.38 38.55 17.24
CA LYS A 41 49.05 39.01 17.65
C LYS A 41 48.53 40.10 16.70
N VAL A 42 47.29 40.51 16.90
CA VAL A 42 46.68 41.57 16.10
C VAL A 42 45.59 42.31 16.90
N SER A 43 45.71 43.64 16.97
CA SER A 43 44.73 44.42 17.70
C SER A 43 43.45 44.51 16.89
N ARG A 44 42.38 43.92 17.40
CA ARG A 44 41.08 43.97 16.74
C ARG A 44 40.06 44.68 17.62
N PRO A 45 39.00 45.21 16.99
CA PRO A 45 37.88 45.79 17.75
C PRO A 45 37.24 44.74 18.62
N GLU A 46 37.33 43.48 18.17
CA GLU A 46 37.02 42.35 19.02
C GLU A 46 37.88 42.37 20.32
N GLY A 47 39.12 42.82 20.22
CA GLY A 47 40.12 42.73 21.29
C GLY A 47 41.49 42.37 20.70
N VAL A 48 42.44 41.94 21.52
CA VAL A 48 43.72 41.49 20.95
C VAL A 48 43.76 39.99 20.75
N LYS A 49 43.86 39.54 19.50
CA LYS A 49 43.85 38.12 19.20
C LYS A 49 45.18 37.59 18.64
N ILE A 50 45.37 36.28 18.73
CA ILE A 50 46.57 35.64 18.22
C ILE A 50 46.35 35.13 16.78
N ILE A 51 47.34 35.35 15.91
CA ILE A 51 47.28 34.78 14.57
C ILE A 51 48.21 33.59 14.48
N PRO A 52 47.66 32.39 14.73
CA PRO A 52 48.50 31.19 14.65
C PRO A 52 48.90 30.90 13.21
N PRO A 53 49.99 30.17 13.01
CA PRO A 53 50.39 29.71 11.68
C PRO A 53 49.32 28.81 11.06
N GLN A 54 49.35 28.63 9.74
CA GLN A 54 48.45 27.70 9.06
C GLN A 54 48.59 26.28 9.63
N SER A 55 49.83 25.93 9.98
CA SER A 55 50.15 24.58 10.46
C SER A 55 49.45 24.17 11.76
N ASP A 56 48.92 25.15 12.50
CA ASP A 56 48.30 24.90 13.80
C ASP A 56 46.79 25.12 13.81
N ARG A 57 46.26 25.74 12.76
CA ARG A 57 44.83 26.06 12.71
C ARG A 57 43.96 24.81 12.66
N GLN A 58 44.40 23.79 11.92
CA GLN A 58 43.62 22.57 11.83
C GLN A 58 43.49 21.99 13.22
N LYS A 59 44.61 21.95 13.95
CA LYS A 59 44.60 21.44 15.31
C LYS A 59 43.71 22.29 16.23
N ILE A 60 43.91 23.61 16.20
CA ILE A 60 43.12 24.54 17.00
C ILE A 60 41.61 24.37 16.77
N VAL A 61 41.18 24.35 15.51
CA VAL A 61 39.78 24.13 15.18
C VAL A 61 39.28 22.79 15.72
N LEU A 62 40.14 21.78 15.64
CA LEU A 62 39.80 20.47 16.17
C LEU A 62 39.66 20.55 17.70
N GLN A 63 40.59 21.25 18.34
CA GLN A 63 40.59 21.41 19.79
C GLN A 63 39.29 22.05 20.29
N ALA A 64 38.89 23.13 19.63
CA ALA A 64 37.68 23.88 19.98
C ALA A 64 36.43 23.06 19.73
N HIS A 65 36.37 22.44 18.56
CA HIS A 65 35.25 21.59 18.20
C HIS A 65 35.02 20.47 19.22
N ASN A 66 36.04 19.64 19.45
CA ASN A 66 35.87 18.47 20.33
C ASN A 66 35.44 18.73 21.79
N LEU A 67 35.31 20.01 22.15
CA LEU A 67 34.85 20.35 23.49
C LEU A 67 33.45 19.87 23.74
N ALA A 68 32.53 20.24 22.85
CA ALA A 68 31.15 19.77 22.95
C ALA A 68 30.68 19.24 21.61
N HIS A 69 31.64 19.03 20.71
CA HIS A 69 31.34 18.67 19.32
C HIS A 69 30.33 19.65 18.75
N THR A 70 30.69 20.92 18.90
CA THR A 70 29.83 22.03 18.57
C THR A 70 29.82 22.31 17.07
N GLY A 71 28.71 22.88 16.60
CA GLY A 71 28.50 23.21 15.20
C GLY A 71 29.40 24.29 14.66
N ARG A 72 28.94 25.07 13.69
CA ARG A 72 29.83 26.03 13.06
C ARG A 72 30.13 27.23 13.95
N GLU A 73 29.13 28.08 14.10
CA GLU A 73 29.28 29.31 14.88
C GLU A 73 29.66 29.00 16.33
N ALA A 74 29.19 27.88 16.87
CA ALA A 74 29.52 27.54 18.26
C ALA A 74 31.01 27.19 18.39
N THR A 75 31.59 26.66 17.31
CA THR A 75 33.01 26.35 17.31
C THR A 75 33.78 27.62 17.02
N LEU A 76 33.26 28.42 16.11
CA LEU A 76 33.90 29.68 15.72
C LEU A 76 34.07 30.59 16.93
N LEU A 77 33.02 30.70 17.73
CA LEU A 77 33.04 31.57 18.90
C LEU A 77 34.14 31.16 19.84
N LYS A 78 34.29 29.86 20.04
CA LYS A 78 35.36 29.35 20.90
C LYS A 78 36.68 29.84 20.38
N ILE A 79 36.96 29.61 19.10
CA ILE A 79 38.23 29.99 18.53
C ILE A 79 38.43 31.51 18.57
N ALA A 80 37.38 32.26 18.24
CA ALA A 80 37.45 33.72 18.23
C ALA A 80 37.57 34.34 19.62
N ASN A 81 37.57 33.51 20.66
CA ASN A 81 37.86 34.03 21.99
C ASN A 81 39.35 34.29 22.16
N LEU A 82 40.15 33.76 21.25
CA LEU A 82 41.62 33.81 21.39
C LEU A 82 42.33 34.17 20.10
N TYR A 83 41.93 33.50 19.01
CA TYR A 83 42.67 33.60 17.76
C TYR A 83 41.96 34.41 16.68
N TRP A 84 42.72 34.80 15.67
CA TRP A 84 42.16 35.35 14.46
C TRP A 84 43.02 34.96 13.26
N TRP A 85 42.36 34.53 12.17
CA TRP A 85 43.02 34.29 10.89
C TRP A 85 41.99 34.47 9.77
N PRO A 86 42.46 34.75 8.55
CA PRO A 86 41.50 35.03 7.48
C PRO A 86 40.60 33.83 7.17
N ASN A 87 39.29 34.06 7.14
CA ASN A 87 38.29 33.05 6.81
C ASN A 87 38.35 31.85 7.74
N MET A 88 38.17 32.09 9.03
CA MET A 88 38.24 31.02 10.02
C MET A 88 37.20 29.96 9.70
N ARG A 89 35.99 30.39 9.40
CA ARG A 89 34.91 29.47 9.14
C ARG A 89 35.22 28.48 8.01
N LYS A 90 36.00 28.91 7.02
CA LYS A 90 36.45 27.99 5.97
C LYS A 90 37.28 26.87 6.62
N ASP A 91 38.26 27.26 7.43
CA ASP A 91 39.09 26.29 8.16
C ASP A 91 38.27 25.50 9.20
N VAL A 92 37.13 26.07 9.63
CA VAL A 92 36.21 25.37 10.53
C VAL A 92 35.42 24.34 9.77
N VAL A 93 34.63 24.80 8.80
CA VAL A 93 33.73 23.91 8.06
C VAL A 93 34.46 22.76 7.38
N LYS A 94 35.71 22.98 6.99
CA LYS A 94 36.50 21.91 6.38
C LYS A 94 36.57 20.68 7.29
N GLN A 95 36.70 20.91 8.60
CA GLN A 95 36.78 19.81 9.56
C GLN A 95 35.40 19.29 9.93
N LEU A 96 34.40 20.16 9.91
CA LEU A 96 33.05 19.73 10.23
C LEU A 96 32.62 18.66 9.24
N GLY A 97 32.99 18.87 7.97
CA GLY A 97 32.68 17.90 6.92
C GLY A 97 33.51 16.63 7.01
N ARG A 98 34.35 16.52 8.04
CA ARG A 98 35.17 15.33 8.22
C ARG A 98 35.08 14.70 9.61
N CYS A 99 34.47 15.40 10.58
CA CYS A 99 34.30 14.78 11.88
C CYS A 99 33.18 13.76 11.71
N GLN A 100 33.56 12.50 11.59
CA GLN A 100 32.63 11.41 11.41
C GLN A 100 31.59 11.39 12.54
N GLN A 101 32.03 11.74 13.74
CA GLN A 101 31.15 11.71 14.89
C GLN A 101 30.00 12.68 14.72
N CYS A 102 30.29 13.87 14.21
CA CYS A 102 29.22 14.83 13.99
C CYS A 102 28.39 14.51 12.77
N LEU A 103 29.04 14.11 11.68
CA LEU A 103 28.35 13.68 10.47
C LEU A 103 27.29 12.60 10.73
N ILE A 104 27.60 11.64 11.59
CA ILE A 104 26.70 10.53 11.84
C ILE A 104 25.70 10.76 12.98
N THR A 105 25.89 11.82 13.78
CA THR A 105 25.06 12.02 14.96
C THR A 105 24.14 13.23 14.86
N ASN A 106 24.63 14.28 14.24
CA ASN A 106 23.87 15.51 14.11
C ASN A 106 22.67 15.34 13.21
N ALA A 107 21.59 16.06 13.50
CA ALA A 107 20.38 15.96 12.69
C ALA A 107 20.50 16.92 11.53
N SER A 108 19.54 16.81 10.61
CA SER A 108 19.53 17.60 9.38
C SER A 108 18.64 18.83 9.59
N ASN A 109 18.94 19.92 8.88
CA ASN A 109 18.05 21.08 8.90
C ASN A 109 17.46 21.29 7.53
N LYS A 110 17.56 20.27 6.68
CA LYS A 110 16.92 20.25 5.36
C LYS A 110 15.72 19.31 5.37
N ALA A 111 14.58 19.83 4.95
CA ALA A 111 13.35 19.06 4.82
C ALA A 111 13.41 18.32 3.49
N SER A 112 12.78 17.16 3.39
CA SER A 112 12.82 16.43 2.13
C SER A 112 12.14 17.20 1.01
N GLY A 113 12.25 16.67 -0.21
CA GLY A 113 11.56 17.27 -1.32
C GLY A 113 10.08 17.15 -1.06
N PRO A 114 9.25 17.84 -1.86
CA PRO A 114 7.81 17.68 -1.71
C PRO A 114 7.38 16.31 -2.22
N ILE A 115 6.36 15.75 -1.58
CA ILE A 115 5.91 14.39 -1.90
C ILE A 115 5.45 14.25 -3.35
N LEU A 116 5.62 13.06 -3.90
CA LEU A 116 5.01 12.72 -5.18
C LEU A 116 3.56 12.34 -4.94
N ARG A 117 2.67 12.76 -5.85
CA ARG A 117 1.30 12.25 -5.82
C ARG A 117 1.14 11.40 -7.06
N PRO A 118 1.57 10.13 -6.99
CA PRO A 118 1.61 9.22 -8.14
C PRO A 118 0.25 9.12 -8.81
N ASP A 119 0.23 8.80 -10.10
CA ASP A 119 -1.03 8.67 -10.81
C ASP A 119 -1.81 7.52 -10.18
N ARG A 120 -3.09 7.77 -9.89
CA ARG A 120 -3.97 6.74 -9.39
C ARG A 120 -4.04 5.68 -10.45
N PRO A 121 -3.82 4.40 -10.07
CA PRO A 121 -3.91 3.24 -10.99
C PRO A 121 -5.08 3.42 -11.95
N GLN A 122 -4.92 3.07 -13.23
CA GLN A 122 -5.93 3.43 -14.23
C GLN A 122 -7.25 2.65 -14.15
N LYS A 123 -7.15 1.33 -14.03
CA LYS A 123 -8.33 0.48 -13.94
C LYS A 123 -8.27 -0.30 -12.61
N PRO A 124 -9.39 -0.95 -12.22
CA PRO A 124 -9.29 -1.85 -11.08
C PRO A 124 -8.34 -2.97 -11.38
N PHE A 125 -7.78 -3.58 -10.34
CA PHE A 125 -6.81 -4.68 -10.47
C PHE A 125 -5.50 -4.31 -11.18
N ASP A 126 -5.33 -3.05 -11.55
CA ASP A 126 -4.03 -2.59 -12.04
C ASP A 126 -2.95 -2.70 -10.95
N LYS A 127 -3.33 -2.38 -9.72
CA LYS A 127 -2.40 -2.50 -8.61
C LYS A 127 -3.14 -2.69 -7.29
N PHE A 128 -2.76 -3.72 -6.56
CA PHE A 128 -3.28 -3.90 -5.22
C PHE A 128 -2.34 -3.23 -4.23
N PHE A 129 -2.87 -2.89 -3.07
CA PHE A 129 -2.06 -2.56 -1.91
C PHE A 129 -2.40 -3.53 -0.79
N ILE A 130 -1.35 -4.13 -0.22
CA ILE A 130 -1.56 -5.06 0.87
C ILE A 130 -0.77 -4.69 2.13
N ASP A 131 -1.39 -4.86 3.28
CA ASP A 131 -0.74 -4.52 4.53
C ASP A 131 -1.31 -5.37 5.66
N TYR A 132 -0.60 -5.40 6.78
CA TYR A 132 -1.12 -6.07 7.95
C TYR A 132 -1.38 -5.09 9.06
N ILE A 133 -2.62 -5.15 9.57
CA ILE A 133 -3.01 -4.43 10.77
C ILE A 133 -2.86 -5.42 11.92
N GLY A 134 -2.21 -4.98 12.99
CA GLY A 134 -2.09 -5.82 14.17
C GLY A 134 -0.68 -5.99 14.71
N PRO A 135 -0.55 -6.62 15.89
CA PRO A 135 -1.60 -7.38 16.59
C PRO A 135 -2.70 -6.56 17.25
N LEU A 136 -3.83 -7.23 17.46
CA LEU A 136 -5.00 -6.63 18.09
C LEU A 136 -5.39 -7.49 19.28
N PRO A 137 -6.32 -6.99 20.09
CA PRO A 137 -6.96 -7.82 21.11
C PRO A 137 -7.52 -9.08 20.47
N PRO A 138 -7.05 -10.26 20.91
CA PRO A 138 -7.48 -11.53 20.31
C PRO A 138 -8.99 -11.62 20.28
N SER A 139 -9.51 -11.74 19.06
CA SER A 139 -10.92 -11.99 18.82
C SER A 139 -10.94 -13.33 18.11
N GLN A 140 -11.76 -14.24 18.61
CA GLN A 140 -11.92 -15.59 18.03
C GLN A 140 -10.60 -16.26 17.69
N GLY A 141 -9.56 -15.98 18.47
CA GLY A 141 -8.26 -16.59 18.24
C GLY A 141 -7.50 -15.98 17.08
N TYR A 142 -7.98 -14.84 16.57
CA TYR A 142 -7.30 -14.15 15.49
C TYR A 142 -6.63 -12.85 16.00
N LEU A 143 -5.54 -12.43 15.35
CA LEU A 143 -4.79 -11.27 15.83
C LEU A 143 -4.54 -10.20 14.77
N TYR A 144 -4.40 -10.62 13.52
CA TYR A 144 -4.02 -9.68 12.47
C TYR A 144 -5.13 -9.56 11.42
N VAL A 145 -5.09 -8.48 10.64
CA VAL A 145 -5.97 -8.35 9.50
C VAL A 145 -5.11 -8.05 8.27
N LEU A 146 -5.26 -8.86 7.24
CA LEU A 146 -4.62 -8.57 5.96
C LEU A 146 -5.58 -7.68 5.19
N VAL A 147 -5.16 -6.44 4.96
CA VAL A 147 -5.97 -5.47 4.26
C VAL A 147 -5.53 -5.50 2.80
N VAL A 148 -6.48 -5.58 1.87
CA VAL A 148 -6.13 -5.46 0.46
C VAL A 148 -6.94 -4.34 -0.16
N VAL A 149 -6.25 -3.31 -0.60
CA VAL A 149 -6.92 -2.14 -1.16
C VAL A 149 -6.68 -2.10 -2.66
N ASP A 150 -7.75 -1.97 -3.44
CA ASP A 150 -7.54 -1.81 -4.84
C ASP A 150 -7.13 -0.38 -5.17
N GLY A 151 -6.01 -0.25 -5.89
CA GLY A 151 -5.42 1.04 -6.23
C GLY A 151 -6.39 2.03 -6.82
N MET A 152 -6.95 1.69 -7.98
CA MET A 152 -7.85 2.60 -8.68
C MET A 152 -9.07 3.04 -7.85
N THR A 153 -9.76 2.06 -7.24
CA THR A 153 -11.07 2.31 -6.64
C THR A 153 -10.96 2.57 -5.17
N GLY A 154 -10.12 1.80 -4.51
CA GLY A 154 -10.13 1.83 -3.05
C GLY A 154 -11.00 0.73 -2.47
N PHE A 155 -11.73 0.01 -3.32
CA PHE A 155 -12.41 -1.18 -2.87
C PHE A 155 -11.46 -2.05 -2.05
N THR A 156 -11.88 -2.42 -0.86
CA THR A 156 -10.98 -3.02 0.12
C THR A 156 -11.49 -4.35 0.64
N TRP A 157 -10.61 -5.34 0.72
CA TRP A 157 -10.96 -6.63 1.31
C TRP A 157 -10.23 -6.78 2.63
N LEU A 158 -10.91 -7.39 3.60
CA LEU A 158 -10.37 -7.53 4.93
C LEU A 158 -10.35 -8.98 5.38
N TYR A 159 -9.14 -9.55 5.47
CA TYR A 159 -8.99 -10.94 5.87
C TYR A 159 -8.30 -11.04 7.24
N PRO A 160 -8.95 -11.75 8.17
CA PRO A 160 -8.43 -11.99 9.52
C PRO A 160 -7.44 -13.16 9.53
N THR A 161 -6.29 -12.98 10.18
CA THR A 161 -5.32 -14.07 10.29
C THR A 161 -4.83 -14.21 11.74
N LYS A 162 -4.09 -15.28 12.02
CA LYS A 162 -3.55 -15.53 13.36
C LYS A 162 -2.11 -15.03 13.48
N ALA A 163 -1.49 -14.77 12.32
CA ALA A 163 -0.09 -14.34 12.25
C ALA A 163 0.14 -13.67 10.90
N PRO A 164 1.11 -12.74 10.82
CA PRO A 164 1.47 -12.16 9.51
C PRO A 164 2.37 -13.09 8.72
N SER A 165 1.88 -14.32 8.53
CA SER A 165 2.57 -15.43 7.86
C SER A 165 2.64 -15.16 6.38
N THR A 166 3.53 -15.86 5.66
CA THR A 166 3.38 -15.92 4.21
C THR A 166 2.12 -16.74 3.92
N SER A 167 1.94 -17.81 4.70
CA SER A 167 0.82 -18.72 4.51
C SER A 167 -0.52 -17.99 4.54
N ALA A 168 -0.78 -17.26 5.62
CA ALA A 168 -2.06 -16.57 5.78
C ALA A 168 -2.31 -15.56 4.67
N THR A 169 -1.25 -15.02 4.10
CA THR A 169 -1.37 -14.05 3.00
C THR A 169 -1.82 -14.71 1.71
N VAL A 170 -1.18 -15.82 1.38
CA VAL A 170 -1.55 -16.59 0.21
C VAL A 170 -2.95 -17.16 0.37
N LYS A 171 -3.18 -17.84 1.50
CA LYS A 171 -4.47 -18.48 1.80
C LYS A 171 -5.63 -17.50 1.84
N SER A 172 -5.33 -16.21 1.86
CA SER A 172 -6.35 -15.19 1.81
C SER A 172 -6.43 -14.68 0.39
N LEU A 173 -5.29 -14.23 -0.13
CA LEU A 173 -5.23 -13.72 -1.49
C LEU A 173 -5.78 -14.69 -2.57
N ASN A 174 -5.67 -16.00 -2.35
CA ASN A 174 -6.24 -16.95 -3.32
C ASN A 174 -7.76 -16.78 -3.42
N VAL A 175 -8.39 -16.58 -2.28
CA VAL A 175 -9.82 -16.28 -2.25
C VAL A 175 -10.11 -15.00 -3.05
N LEU A 176 -9.20 -14.04 -2.98
CA LEU A 176 -9.37 -12.78 -3.67
C LEU A 176 -9.08 -12.92 -5.17
N THR A 177 -7.96 -13.56 -5.50
CA THR A 177 -7.64 -13.73 -6.91
C THR A 177 -8.73 -14.53 -7.65
N SER A 178 -9.41 -15.43 -6.94
CA SER A 178 -10.60 -16.11 -7.46
C SER A 178 -11.55 -15.18 -8.20
N ILE A 179 -11.73 -13.98 -7.65
CA ILE A 179 -12.57 -12.96 -8.24
C ILE A 179 -11.85 -12.46 -9.49
N ALA A 180 -10.58 -12.09 -9.32
CA ALA A 180 -9.80 -11.54 -10.44
C ALA A 180 -8.33 -11.51 -10.12
N ILE A 181 -7.49 -11.48 -11.14
CA ILE A 181 -6.05 -11.41 -10.94
C ILE A 181 -5.57 -10.00 -11.20
N PRO A 182 -4.76 -9.45 -10.28
CA PRO A 182 -4.19 -8.09 -10.39
C PRO A 182 -2.79 -8.09 -11.03
N LYS A 183 -2.55 -7.09 -11.88
CA LYS A 183 -1.25 -6.90 -12.51
C LYS A 183 -0.13 -6.77 -11.48
N VAL A 184 -0.26 -5.78 -10.60
CA VAL A 184 0.75 -5.46 -9.59
C VAL A 184 0.21 -5.53 -8.16
N ILE A 185 1.01 -6.08 -7.26
CA ILE A 185 0.67 -6.06 -5.85
C ILE A 185 1.74 -5.27 -5.10
N HIS A 186 1.32 -4.19 -4.45
CA HIS A 186 2.25 -3.33 -3.74
C HIS A 186 2.16 -3.55 -2.23
N SER A 187 3.29 -3.37 -1.54
CA SER A 187 3.36 -3.66 -0.11
C SER A 187 4.70 -3.25 0.51
N ASP A 188 4.71 -2.98 1.82
CA ASP A 188 5.97 -2.72 2.52
C ASP A 188 6.87 -3.96 2.44
N GLN A 189 8.06 -3.90 3.02
CA GLN A 189 8.90 -5.08 2.95
C GLN A 189 8.73 -5.96 4.17
N GLY A 190 7.48 -6.28 4.49
CA GLY A 190 7.19 -7.19 5.60
C GLY A 190 7.57 -8.61 5.23
N ALA A 191 8.01 -9.40 6.21
CA ALA A 191 8.56 -10.74 5.95
C ALA A 191 7.69 -11.60 5.03
N ALA A 192 6.39 -11.57 5.25
CA ALA A 192 5.45 -12.37 4.46
C ALA A 192 5.36 -11.94 3.00
N PHE A 193 5.81 -10.73 2.69
CA PHE A 193 5.71 -10.22 1.31
C PHE A 193 7.03 -10.38 0.58
N THR A 194 8.11 -10.40 1.36
CA THR A 194 9.46 -10.46 0.82
C THR A 194 10.00 -11.89 0.74
N SER A 195 9.23 -12.84 1.26
CA SER A 195 9.67 -14.24 1.26
C SER A 195 9.65 -14.80 -0.16
N SER A 196 10.44 -15.86 -0.36
CA SER A 196 10.56 -16.53 -1.65
C SER A 196 9.26 -17.23 -1.97
N THR A 197 8.65 -17.81 -0.94
CA THR A 197 7.37 -18.49 -1.04
C THR A 197 6.30 -17.64 -1.72
N PHE A 198 6.29 -16.36 -1.38
CA PHE A 198 5.31 -15.43 -1.89
C PHE A 198 5.75 -14.92 -3.24
N ALA A 199 7.04 -14.61 -3.37
CA ALA A 199 7.57 -14.11 -4.64
C ALA A 199 7.19 -15.08 -5.75
N GLU A 200 7.27 -16.37 -5.42
CA GLU A 200 7.00 -17.44 -6.34
C GLU A 200 5.51 -17.60 -6.57
N TRP A 201 4.73 -17.54 -5.49
CA TRP A 201 3.28 -17.54 -5.62
C TRP A 201 2.80 -16.47 -6.59
N ALA A 202 3.44 -15.31 -6.57
CA ALA A 202 3.11 -14.23 -7.48
C ALA A 202 3.47 -14.58 -8.92
N LYS A 203 4.59 -15.28 -9.09
CA LYS A 203 5.09 -15.67 -10.41
C LYS A 203 4.17 -16.66 -11.13
N GLU A 204 3.55 -17.57 -10.36
CA GLU A 204 2.60 -18.55 -10.90
C GLU A 204 1.44 -17.85 -11.62
N ARG A 205 1.15 -16.62 -11.17
CA ARG A 205 -0.07 -15.95 -11.57
C ARG A 205 0.24 -14.71 -12.39
N GLY A 206 1.53 -14.48 -12.62
CA GLY A 206 1.95 -13.39 -13.46
C GLY A 206 1.58 -12.10 -12.80
N ILE A 207 1.72 -12.10 -11.48
CA ILE A 207 1.57 -10.93 -10.66
C ILE A 207 2.96 -10.30 -10.45
N HIS A 208 3.09 -9.01 -10.73
CA HIS A 208 4.36 -8.34 -10.46
C HIS A 208 4.37 -7.77 -9.04
N LEU A 209 5.38 -8.14 -8.27
CA LEU A 209 5.53 -7.59 -6.94
C LEU A 209 6.26 -6.25 -6.97
N GLU A 210 5.56 -5.21 -6.54
CA GLU A 210 6.16 -3.91 -6.29
C GLU A 210 6.44 -3.82 -4.80
N PHE A 211 7.56 -3.23 -4.43
CA PHE A 211 7.92 -3.12 -3.03
C PHE A 211 8.19 -1.66 -2.64
N SER A 212 7.57 -1.23 -1.54
CA SER A 212 7.83 0.11 -1.01
C SER A 212 9.25 0.21 -0.46
N THR A 213 9.82 1.41 -0.52
CA THR A 213 11.12 1.68 0.08
C THR A 213 11.01 1.42 1.57
N PRO A 214 12.09 0.93 2.19
CA PRO A 214 12.05 0.51 3.60
C PRO A 214 11.97 1.69 4.58
N TYR A 215 11.32 1.45 5.71
CA TYR A 215 11.11 2.47 6.73
C TYR A 215 10.45 3.68 6.11
N HIS A 216 9.33 3.43 5.43
CA HIS A 216 8.60 4.47 4.74
C HIS A 216 7.16 4.03 4.45
N PRO A 217 6.33 3.98 5.50
CA PRO A 217 5.00 3.39 5.33
C PRO A 217 4.08 4.21 4.41
N GLN A 218 4.35 5.50 4.24
CA GLN A 218 3.53 6.36 3.36
C GLN A 218 3.55 5.86 1.92
N SER A 219 4.52 5.02 1.58
CA SER A 219 4.58 4.42 0.26
C SER A 219 3.46 3.39 0.10
N SER A 220 3.07 2.79 1.22
CA SER A 220 1.90 1.96 1.24
C SER A 220 0.77 2.80 1.82
N GLY A 221 0.80 4.10 1.54
CA GLY A 221 -0.21 5.01 2.06
C GLY A 221 -1.63 4.64 1.73
N LYS A 222 -1.89 4.22 0.49
CA LYS A 222 -3.23 3.78 0.04
C LYS A 222 -3.90 2.87 1.06
N VAL A 223 -3.12 1.92 1.57
CA VAL A 223 -3.64 0.93 2.48
C VAL A 223 -3.56 1.41 3.93
N GLU A 224 -2.43 1.99 4.31
CA GLU A 224 -2.29 2.53 5.65
C GLU A 224 -3.43 3.51 5.92
N ARG A 225 -3.73 4.37 4.94
CA ARG A 225 -4.80 5.33 5.14
C ARG A 225 -6.15 4.62 5.27
N LYS A 226 -6.31 3.52 4.56
CA LYS A 226 -7.52 2.72 4.71
C LYS A 226 -7.53 2.09 6.10
N ASN A 227 -6.35 1.68 6.60
CA ASN A 227 -6.22 1.13 7.97
C ASN A 227 -6.90 2.01 9.02
N SER A 228 -6.73 3.32 8.88
CA SER A 228 -7.42 4.29 9.72
C SER A 228 -8.93 4.07 9.74
N ASP A 229 -9.58 4.28 8.59
CA ASP A 229 -11.05 4.20 8.51
C ASP A 229 -11.55 2.86 8.98
N ILE A 230 -10.75 1.82 8.76
CA ILE A 230 -11.02 0.48 9.31
C ILE A 230 -10.92 0.48 10.84
N LYS A 231 -9.77 0.90 11.38
CA LYS A 231 -9.61 0.96 12.82
C LYS A 231 -10.61 1.92 13.43
N ARG A 232 -10.78 3.07 12.80
CA ARG A 232 -11.68 4.07 13.31
C ARG A 232 -13.14 3.57 13.37
N LEU A 233 -13.57 2.82 12.37
CA LEU A 233 -14.93 2.27 12.41
C LEU A 233 -15.05 1.20 13.47
N LEU A 234 -14.11 0.26 13.46
CA LEU A 234 -14.03 -0.77 14.49
C LEU A 234 -14.17 -0.18 15.90
N THR A 235 -13.45 0.92 16.13
CA THR A 235 -13.46 1.60 17.42
C THR A 235 -14.85 2.12 17.78
N LYS A 236 -15.50 2.79 16.84
CA LYS A 236 -16.84 3.34 17.09
C LYS A 236 -17.85 2.25 17.38
N LEU A 237 -17.68 1.12 16.71
CA LEU A 237 -18.63 0.03 16.82
C LEU A 237 -18.40 -0.81 18.09
N LEU A 238 -17.23 -0.65 18.73
CA LEU A 238 -16.94 -1.38 19.97
C LEU A 238 -16.95 -0.50 21.23
N VAL A 239 -17.46 0.71 21.10
CA VAL A 239 -17.58 1.63 22.23
C VAL A 239 -18.41 0.96 23.32
N GLY A 240 -17.95 1.08 24.57
CA GLY A 240 -18.65 0.51 25.71
C GLY A 240 -18.97 -0.96 25.51
N ARG A 241 -17.97 -1.70 25.04
CA ARG A 241 -18.19 -3.07 24.58
C ARG A 241 -16.83 -3.72 24.44
N PRO A 242 -16.72 -5.02 24.79
CA PRO A 242 -15.49 -5.79 24.59
C PRO A 242 -15.00 -5.74 23.16
N THR A 243 -13.71 -6.00 22.95
CA THR A 243 -13.11 -5.88 21.62
C THR A 243 -13.11 -7.18 20.79
N LYS A 244 -14.30 -7.59 20.33
CA LYS A 244 -14.43 -8.74 19.43
C LYS A 244 -14.64 -8.28 17.98
N TRP A 245 -13.52 -7.99 17.32
CA TRP A 245 -13.49 -7.37 16.00
C TRP A 245 -13.69 -8.36 14.85
N TYR A 246 -13.42 -9.63 15.09
CA TYR A 246 -13.54 -10.64 14.05
C TYR A 246 -14.94 -10.62 13.44
N ASP A 247 -15.97 -10.81 14.25
CA ASP A 247 -17.35 -10.84 13.77
C ASP A 247 -17.81 -9.55 13.08
N LEU A 248 -16.97 -8.51 13.13
CA LEU A 248 -17.31 -7.19 12.60
C LEU A 248 -16.59 -6.84 11.30
N LEU A 249 -15.49 -7.53 11.01
CA LEU A 249 -14.73 -7.26 9.80
C LEU A 249 -15.59 -7.16 8.55
N PRO A 250 -16.35 -8.22 8.21
CA PRO A 250 -17.21 -8.06 7.04
C PRO A 250 -18.08 -6.81 7.13
N VAL A 251 -18.80 -6.65 8.25
CA VAL A 251 -19.62 -5.46 8.46
C VAL A 251 -18.90 -4.18 8.08
N VAL A 252 -17.66 -4.05 8.53
CA VAL A 252 -16.87 -2.85 8.29
C VAL A 252 -16.53 -2.77 6.81
N GLN A 253 -16.06 -3.90 6.29
CA GLN A 253 -15.58 -4.00 4.91
C GLN A 253 -16.63 -3.60 3.90
N LEU A 254 -17.86 -4.07 4.08
CA LEU A 254 -18.96 -3.61 3.27
C LEU A 254 -19.14 -2.13 3.54
N ALA A 255 -19.40 -1.79 4.80
CA ALA A 255 -19.69 -0.41 5.20
C ALA A 255 -18.71 0.60 4.61
N LEU A 256 -17.43 0.24 4.56
CA LEU A 256 -16.40 1.14 4.08
C LEU A 256 -16.31 1.24 2.57
N ASN A 257 -16.50 0.11 1.89
CA ASN A 257 -16.41 0.04 0.44
C ASN A 257 -17.53 0.82 -0.20
N ASN A 258 -18.59 1.05 0.57
CA ASN A 258 -19.74 1.82 0.10
C ASN A 258 -19.87 3.16 0.80
N THR A 259 -18.75 3.70 1.26
CA THR A 259 -18.77 5.00 1.92
C THR A 259 -18.15 6.05 1.03
N TYR A 260 -18.91 7.09 0.72
CA TYR A 260 -18.46 8.08 -0.26
C TYR A 260 -17.17 8.74 0.14
N SER A 261 -16.33 9.01 -0.86
CA SER A 261 -15.19 9.91 -0.69
C SER A 261 -15.61 11.25 -1.29
N PRO A 262 -15.89 12.24 -0.42
CA PRO A 262 -16.52 13.50 -0.78
C PRO A 262 -15.79 14.22 -1.91
N VAL A 263 -14.50 13.99 -2.00
CA VAL A 263 -13.69 14.64 -3.01
C VAL A 263 -14.08 14.09 -4.36
N LEU A 264 -14.15 12.77 -4.45
CA LEU A 264 -14.53 12.10 -5.67
C LEU A 264 -16.05 12.12 -5.87
N LYS A 265 -16.77 12.08 -4.74
CA LYS A 265 -18.23 11.91 -4.74
C LYS A 265 -18.62 10.56 -5.31
N TYR A 266 -17.76 9.57 -5.09
CA TYR A 266 -18.07 8.19 -5.41
C TYR A 266 -17.58 7.28 -4.29
N THR A 267 -18.17 6.08 -4.21
CA THR A 267 -17.74 5.06 -3.26
C THR A 267 -16.99 3.93 -3.98
N PRO A 268 -16.02 3.32 -3.30
CA PRO A 268 -15.14 2.27 -3.85
C PRO A 268 -15.91 1.18 -4.59
N HIS A 269 -16.99 0.70 -3.99
CA HIS A 269 -17.88 -0.22 -4.68
C HIS A 269 -18.32 0.39 -6.03
N GLN A 270 -18.91 1.59 -6.01
CA GLN A 270 -19.27 2.28 -7.24
C GLN A 270 -18.13 2.31 -8.28
N LEU A 271 -16.94 2.72 -7.83
CA LEU A 271 -15.81 2.84 -8.74
C LEU A 271 -15.43 1.49 -9.36
N LEU A 272 -15.73 0.40 -8.65
CA LEU A 272 -15.40 -0.95 -9.12
C LEU A 272 -16.47 -1.56 -10.06
N PHE A 273 -17.74 -1.24 -9.82
CA PHE A 273 -18.84 -1.89 -10.55
C PHE A 273 -19.65 -0.95 -11.42
N GLY A 274 -19.70 0.31 -11.04
CA GLY A 274 -20.54 1.27 -11.75
C GLY A 274 -21.99 1.30 -11.30
N ILE A 275 -22.33 0.44 -10.34
CA ILE A 275 -23.68 0.44 -9.76
C ILE A 275 -23.67 -0.04 -8.33
N ASP A 276 -24.59 0.45 -7.51
CA ASP A 276 -24.70 -0.02 -6.13
C ASP A 276 -25.34 -1.42 -6.01
N SER A 277 -24.91 -2.20 -5.01
CA SER A 277 -25.48 -3.50 -4.72
C SER A 277 -26.73 -3.31 -3.86
N ASN A 278 -27.19 -4.35 -3.17
CA ASN A 278 -28.41 -4.18 -2.36
C ASN A 278 -28.08 -3.69 -0.96
N THR A 279 -27.38 -2.56 -0.92
CA THR A 279 -26.95 -1.93 0.33
C THR A 279 -27.87 -0.74 0.62
N PRO A 280 -27.94 -0.30 1.89
CA PRO A 280 -28.84 0.80 2.25
C PRO A 280 -28.48 2.14 1.57
N PHE A 281 -29.50 2.94 1.28
CA PHE A 281 -29.33 4.21 0.56
C PHE A 281 -28.58 4.03 -0.75
N ALA A 282 -29.06 3.12 -1.57
CA ALA A 282 -28.39 2.75 -2.81
C ALA A 282 -28.72 3.72 -3.94
N ASN A 283 -27.68 4.25 -4.59
CA ASN A 283 -27.80 5.18 -5.72
C ASN A 283 -28.44 4.53 -6.94
N GLN A 284 -29.54 5.11 -7.43
CA GLN A 284 -30.29 4.50 -8.54
C GLN A 284 -30.30 5.30 -9.85
N ASP A 285 -29.39 6.28 -9.97
CA ASP A 285 -29.37 7.18 -11.12
C ASP A 285 -29.20 6.50 -12.48
N THR A 286 -28.44 5.41 -12.51
CA THR A 286 -28.18 4.66 -13.74
C THR A 286 -29.25 3.61 -14.07
N LEU A 287 -30.36 3.64 -13.32
CA LEU A 287 -31.42 2.64 -13.46
C LEU A 287 -32.11 2.66 -14.84
N ASP A 288 -32.20 3.85 -15.42
CA ASP A 288 -32.75 4.02 -16.77
C ASP A 288 -31.79 3.52 -17.85
N LEU A 289 -30.49 3.69 -17.62
CA LEU A 289 -29.45 3.31 -18.58
C LEU A 289 -29.37 1.81 -18.76
N THR A 290 -28.88 1.36 -19.93
CA THR A 290 -28.50 -0.04 -20.08
C THR A 290 -27.13 -0.24 -19.45
N ARG A 291 -26.71 -1.50 -19.26
CA ARG A 291 -25.42 -1.74 -18.64
C ARG A 291 -24.31 -1.12 -19.48
N GLU A 292 -24.40 -1.26 -20.79
CA GLU A 292 -23.43 -0.63 -21.71
C GLU A 292 -23.43 0.91 -21.54
N GLU A 293 -24.62 1.51 -21.64
CA GLU A 293 -24.82 2.93 -21.41
C GLU A 293 -24.27 3.37 -20.04
N GLU A 294 -24.24 2.46 -19.08
CA GLU A 294 -23.80 2.78 -17.73
C GLU A 294 -22.33 2.40 -17.50
N LEU A 295 -21.86 1.44 -18.29
CA LEU A 295 -20.48 0.98 -18.22
C LEU A 295 -19.56 1.93 -18.97
N SER A 296 -20.13 2.68 -19.92
CA SER A 296 -19.37 3.69 -20.65
C SER A 296 -19.04 4.82 -19.68
N LEU A 297 -20.12 5.37 -19.10
CA LEU A 297 -20.03 6.41 -18.08
C LEU A 297 -19.00 6.08 -16.98
N LEU A 298 -18.91 4.81 -16.61
CA LEU A 298 -17.94 4.41 -15.60
C LEU A 298 -16.51 4.54 -16.10
N GLN A 299 -16.30 4.40 -17.41
CA GLN A 299 -14.96 4.54 -17.96
C GLN A 299 -14.55 6.02 -17.94
N GLU A 300 -15.53 6.89 -18.24
CA GLU A 300 -15.30 8.33 -18.15
C GLU A 300 -14.99 8.74 -16.71
N ILE A 301 -15.78 8.25 -15.75
CA ILE A 301 -15.61 8.60 -14.34
C ILE A 301 -14.20 8.31 -13.89
N ARG A 302 -13.78 7.05 -14.11
CA ARG A 302 -12.50 6.55 -13.64
C ARG A 302 -11.33 7.37 -14.15
N THR A 303 -11.53 8.03 -15.28
CA THR A 303 -10.51 8.92 -15.85
C THR A 303 -10.69 10.38 -15.39
N SER A 304 -11.94 10.84 -15.41
CA SER A 304 -12.28 12.19 -14.99
C SER A 304 -12.23 12.37 -13.48
N LEU A 305 -11.60 11.42 -12.78
CA LEU A 305 -11.40 11.54 -11.32
C LEU A 305 -10.43 12.66 -10.98
N TYR A 306 -10.24 12.87 -9.70
CA TYR A 306 -9.45 13.97 -9.19
C TYR A 306 -8.01 13.54 -8.86
N HIS A 307 -7.06 14.39 -9.22
CA HIS A 307 -5.66 14.07 -9.02
C HIS A 307 -4.96 15.13 -8.17
N PRO A 308 -4.47 14.74 -6.99
CA PRO A 308 -3.77 15.68 -6.11
C PRO A 308 -2.47 16.16 -6.73
N SER A 309 -2.19 17.46 -6.64
CA SER A 309 -0.96 18.00 -7.21
C SER A 309 0.19 17.90 -6.20
N THR A 310 1.41 17.91 -6.71
CA THR A 310 2.58 17.94 -5.85
C THR A 310 2.57 19.25 -5.07
N PRO A 311 2.69 19.17 -3.73
CA PRO A 311 2.70 20.32 -2.81
C PRO A 311 3.95 21.16 -2.99
N PRO A 312 3.90 22.45 -2.61
CA PRO A 312 5.07 23.31 -2.71
C PRO A 312 6.28 22.74 -1.96
N ALA A 313 7.46 22.82 -2.58
CA ALA A 313 8.71 22.40 -1.94
C ALA A 313 8.98 23.28 -0.74
N SER A 314 9.39 22.69 0.38
CA SER A 314 9.66 23.46 1.60
C SER A 314 10.71 24.53 1.34
N SER A 315 10.59 25.66 2.04
CA SER A 315 11.49 26.79 1.87
C SER A 315 12.98 26.41 1.86
N ARG A 316 13.31 25.33 2.57
CA ARG A 316 14.67 24.86 2.65
C ARG A 316 14.73 23.36 2.44
N SER A 317 14.09 22.90 1.38
CA SER A 317 14.10 21.49 1.01
C SER A 317 15.39 21.11 0.25
N TRP A 318 15.59 19.81 0.04
CA TRP A 318 16.74 19.32 -0.73
C TRP A 318 16.33 18.19 -1.66
N SER A 319 16.69 18.29 -2.94
CA SER A 319 16.46 17.17 -3.84
C SER A 319 17.77 16.49 -4.24
N PRO A 320 17.77 15.14 -4.27
CA PRO A 320 18.96 14.32 -4.51
C PRO A 320 19.49 14.39 -5.94
N VAL A 321 20.80 14.51 -6.06
CA VAL A 321 21.46 14.60 -7.36
C VAL A 321 22.39 13.42 -7.44
N VAL A 322 22.60 12.87 -8.63
CA VAL A 322 23.47 11.72 -8.76
C VAL A 322 24.87 12.08 -8.31
N GLY A 323 25.55 11.14 -7.64
CA GLY A 323 26.91 11.38 -7.19
C GLY A 323 27.02 12.16 -5.90
N GLN A 324 25.96 12.87 -5.55
CA GLN A 324 25.91 13.64 -4.31
C GLN A 324 26.09 12.75 -3.08
N LEU A 325 26.78 13.29 -2.08
CA LEU A 325 27.04 12.57 -0.82
C LEU A 325 25.88 12.72 0.13
N VAL A 326 25.40 11.57 0.59
CA VAL A 326 24.15 11.50 1.34
C VAL A 326 24.30 10.41 2.39
N GLN A 327 23.49 10.44 3.44
CA GLN A 327 23.49 9.32 4.39
C GLN A 327 22.11 8.83 4.82
N GLU A 328 22.07 7.54 5.14
CA GLU A 328 20.82 6.85 5.39
C GLU A 328 20.57 6.73 6.88
N ARG A 329 19.35 7.09 7.28
CA ARG A 329 18.96 6.97 8.67
C ARG A 329 19.12 5.54 9.14
N VAL A 330 19.80 5.38 10.27
CA VAL A 330 19.89 4.09 10.96
C VAL A 330 18.50 3.66 11.40
N ALA A 331 18.09 2.47 10.97
CA ALA A 331 16.77 1.93 11.24
C ALA A 331 16.41 1.95 12.73
N ARG A 332 16.89 0.94 13.45
CA ARG A 332 16.74 0.91 14.90
C ARG A 332 18.11 1.17 15.53
N PRO A 333 18.41 2.44 15.82
CA PRO A 333 19.70 2.72 16.47
C PRO A 333 19.53 2.42 17.94
N ALA A 334 20.59 1.91 18.58
CA ALA A 334 20.49 1.60 19.99
C ALA A 334 20.43 2.89 20.80
N SER A 335 20.20 2.79 22.10
CA SER A 335 20.26 3.97 22.95
C SER A 335 21.68 4.52 22.90
N LEU A 336 21.78 5.84 22.80
CA LEU A 336 23.05 6.55 22.68
C LEU A 336 23.90 6.17 21.45
N ARG A 337 23.23 5.78 20.37
CA ARG A 337 23.91 5.42 19.12
C ARG A 337 23.51 6.38 18.03
N PRO A 338 24.47 6.76 17.17
CA PRO A 338 24.23 7.70 16.07
C PRO A 338 23.07 7.26 15.16
N ARG A 339 22.27 8.22 14.71
CA ARG A 339 21.08 7.88 13.94
C ARG A 339 21.32 7.90 12.43
N TRP A 340 22.58 8.06 12.03
CA TRP A 340 22.95 8.10 10.61
C TRP A 340 24.11 7.17 10.27
N HIS A 341 23.97 6.40 9.20
CA HIS A 341 25.06 5.59 8.69
C HIS A 341 26.11 6.53 8.11
N LYS A 342 27.31 6.02 7.80
CA LYS A 342 28.35 6.87 7.21
C LYS A 342 27.82 7.35 5.85
N PRO A 343 28.38 8.45 5.33
CA PRO A 343 27.98 8.99 4.01
C PRO A 343 28.01 7.96 2.88
N SER A 344 26.97 7.93 2.04
CA SER A 344 26.91 7.07 0.83
C SER A 344 26.77 7.95 -0.41
N THR A 345 26.95 7.36 -1.59
CA THR A 345 26.84 8.12 -2.84
C THR A 345 25.52 7.84 -3.55
N VAL A 346 24.94 8.87 -4.18
CA VAL A 346 23.73 8.69 -4.97
C VAL A 346 24.07 8.09 -6.33
N LEU A 347 23.58 6.87 -6.59
CA LEU A 347 23.85 6.17 -7.84
C LEU A 347 22.84 6.51 -8.91
N LYS A 348 21.56 6.39 -8.57
CA LYS A 348 20.48 6.60 -9.53
C LYS A 348 19.34 7.30 -8.84
N VAL A 349 18.87 8.38 -9.44
CA VAL A 349 17.68 9.07 -8.96
C VAL A 349 16.43 8.56 -9.69
N LEU A 350 15.68 7.66 -9.04
CA LEU A 350 14.47 7.12 -9.65
C LEU A 350 13.39 8.20 -9.84
N ASN A 351 13.38 9.18 -8.93
CA ASN A 351 12.48 10.33 -8.95
C ASN A 351 12.91 11.27 -7.83
N PRO A 352 12.43 12.53 -7.84
CA PRO A 352 12.82 13.53 -6.83
C PRO A 352 12.55 13.10 -5.38
N ARG A 353 12.10 11.86 -5.19
CA ARG A 353 11.76 11.38 -3.87
C ARG A 353 12.32 9.97 -3.64
N THR A 354 12.88 9.37 -4.68
CA THR A 354 13.48 8.04 -4.55
C THR A 354 14.87 7.89 -5.16
N VAL A 355 15.72 7.14 -4.45
CA VAL A 355 17.15 7.10 -4.77
C VAL A 355 17.74 5.70 -4.63
N VAL A 356 18.61 5.34 -5.58
CA VAL A 356 19.48 4.18 -5.39
C VAL A 356 20.82 4.67 -4.84
N ILE A 357 21.24 4.12 -3.70
CA ILE A 357 22.54 4.48 -3.15
C ILE A 357 23.44 3.27 -3.09
N LEU A 358 24.60 3.47 -2.46
CA LEU A 358 25.51 2.40 -2.17
C LEU A 358 25.64 2.30 -0.65
N ASP A 359 24.88 1.39 -0.03
CA ASP A 359 24.75 1.36 1.43
C ASP A 359 26.05 1.05 2.18
N HIS A 360 25.99 1.14 3.51
CA HIS A 360 27.15 0.96 4.40
C HIS A 360 27.69 -0.49 4.44
N LEU A 361 26.92 -1.45 3.92
CA LEU A 361 27.36 -2.84 3.86
C LEU A 361 27.80 -3.21 2.46
N GLY A 362 28.10 -2.19 1.64
CA GLY A 362 28.56 -2.37 0.28
C GLY A 362 27.51 -2.96 -0.66
N ASN A 363 26.25 -2.61 -0.45
CA ASN A 363 25.16 -3.13 -1.30
C ASN A 363 24.43 -2.04 -2.08
N ASN A 364 23.74 -2.44 -3.14
CA ASN A 364 22.83 -1.52 -3.82
C ASN A 364 21.55 -1.39 -3.01
N ARG A 365 21.03 -0.16 -2.87
CA ARG A 365 19.82 0.04 -2.05
C ARG A 365 18.94 1.17 -2.58
N THR A 366 17.64 0.92 -2.55
CA THR A 366 16.67 1.92 -2.99
C THR A 366 15.94 2.46 -1.78
N VAL A 367 16.16 3.73 -1.47
CA VAL A 367 15.59 4.36 -0.29
C VAL A 367 14.80 5.63 -0.63
N SER A 368 13.83 5.96 0.22
CA SER A 368 13.11 7.23 0.07
C SER A 368 13.92 8.34 0.70
N ILE A 369 13.92 9.53 0.10
CA ILE A 369 14.75 10.63 0.62
C ILE A 369 14.33 11.02 2.03
N ASP A 370 13.16 10.56 2.44
CA ASP A 370 12.71 10.74 3.81
C ASP A 370 13.70 10.13 4.79
N ASN A 371 14.36 9.05 4.39
CA ASN A 371 15.33 8.40 5.27
C ASN A 371 16.75 8.74 4.87
N LEU A 372 16.90 9.87 4.20
CA LEU A 372 18.22 10.38 3.83
C LEU A 372 18.41 11.81 4.35
N LYS A 373 19.65 12.17 4.63
CA LYS A 373 19.99 13.59 4.73
C LYS A 373 21.20 13.84 3.85
N PRO A 374 21.21 14.99 3.17
CA PRO A 374 22.38 15.40 2.41
C PRO A 374 23.55 15.64 3.36
N THR A 375 24.68 14.97 3.16
CA THR A 375 25.84 15.18 4.03
C THR A 375 26.27 16.67 4.05
N SER A 376 26.24 17.28 5.22
CA SER A 376 26.57 18.71 5.35
C SER A 376 28.07 18.98 5.14
N HIS A 377 28.39 20.19 4.68
CA HIS A 377 29.78 20.62 4.42
C HIS A 377 30.50 19.79 3.33
N ASP B 119 -39.32 -4.05 -17.70
CA ASP B 119 -39.48 -2.65 -18.09
C ASP B 119 -38.24 -1.81 -17.76
N ARG B 120 -37.47 -2.22 -16.75
CA ARG B 120 -36.19 -1.59 -16.42
C ARG B 120 -35.00 -2.52 -16.74
N PRO B 121 -34.00 -2.00 -17.49
CA PRO B 121 -32.84 -2.76 -17.98
C PRO B 121 -32.09 -3.47 -16.86
N GLN B 122 -31.66 -4.69 -17.14
CA GLN B 122 -31.09 -5.56 -16.12
C GLN B 122 -29.69 -5.16 -15.71
N LYS B 123 -29.43 -5.17 -14.42
CA LYS B 123 -28.13 -4.82 -13.88
C LYS B 123 -27.52 -5.97 -13.08
N PRO B 124 -26.20 -5.92 -12.85
CA PRO B 124 -25.58 -6.91 -11.95
C PRO B 124 -26.20 -6.75 -10.58
N PHE B 125 -26.17 -7.80 -9.76
CA PHE B 125 -26.71 -7.77 -8.39
C PHE B 125 -28.24 -7.80 -8.35
N ASP B 126 -28.88 -7.69 -9.52
CA ASP B 126 -30.35 -7.62 -9.54
C ASP B 126 -30.98 -8.98 -9.18
N LYS B 127 -30.23 -10.05 -9.45
CA LYS B 127 -30.62 -11.41 -9.07
C LYS B 127 -29.41 -12.35 -8.99
N PHE B 128 -29.27 -13.07 -7.87
CA PHE B 128 -28.23 -14.10 -7.74
C PHE B 128 -28.82 -15.51 -7.69
N PHE B 129 -28.37 -16.36 -8.61
CA PHE B 129 -28.93 -17.68 -8.73
C PHE B 129 -28.04 -18.71 -8.07
N ILE B 130 -28.67 -19.63 -7.34
CA ILE B 130 -27.91 -20.69 -6.71
C ILE B 130 -28.48 -22.07 -6.89
N ASP B 131 -27.55 -23.02 -6.90
CA ASP B 131 -27.85 -24.42 -6.61
C ASP B 131 -26.63 -24.99 -5.96
N TYR B 132 -26.75 -26.22 -5.48
CA TYR B 132 -25.54 -26.95 -5.15
C TYR B 132 -25.22 -27.91 -6.30
N ILE B 133 -23.96 -28.32 -6.36
CA ILE B 133 -23.50 -29.29 -7.35
C ILE B 133 -22.68 -30.30 -6.58
N GLY B 134 -23.30 -31.43 -6.23
CA GLY B 134 -22.66 -32.41 -5.38
C GLY B 134 -23.60 -33.55 -5.05
N PRO B 135 -23.09 -34.59 -4.35
CA PRO B 135 -21.72 -34.65 -3.83
C PRO B 135 -20.67 -34.93 -4.91
N LEU B 136 -19.45 -34.48 -4.63
CA LEU B 136 -18.30 -34.75 -5.48
C LEU B 136 -17.30 -35.59 -4.67
N PRO B 137 -16.34 -36.23 -5.36
CA PRO B 137 -15.25 -36.92 -4.64
C PRO B 137 -14.57 -36.00 -3.63
N PRO B 138 -14.40 -36.47 -2.38
CA PRO B 138 -13.82 -35.66 -1.30
C PRO B 138 -12.44 -35.08 -1.61
N SER B 139 -12.40 -33.84 -2.10
CA SER B 139 -11.14 -33.17 -2.33
C SER B 139 -10.81 -32.30 -1.13
N GLN B 140 -9.91 -32.82 -0.30
CA GLN B 140 -9.46 -32.13 0.90
C GLN B 140 -10.59 -31.91 1.91
N GLY B 141 -11.70 -32.61 1.73
CA GLY B 141 -12.78 -32.59 2.70
C GLY B 141 -14.06 -31.92 2.23
N TYR B 142 -14.03 -31.35 1.03
CA TYR B 142 -15.19 -30.65 0.52
C TYR B 142 -15.96 -31.49 -0.50
N LEU B 143 -17.28 -31.50 -0.37
CA LEU B 143 -18.10 -32.49 -1.05
C LEU B 143 -19.08 -31.85 -2.02
N TYR B 144 -19.53 -30.66 -1.69
CA TYR B 144 -20.51 -29.98 -2.52
C TYR B 144 -19.90 -28.67 -2.98
N VAL B 145 -20.60 -27.96 -3.86
CA VAL B 145 -20.15 -26.65 -4.29
C VAL B 145 -21.35 -25.73 -4.52
N LEU B 146 -21.43 -24.69 -3.69
CA LEU B 146 -22.47 -23.68 -3.83
C LEU B 146 -22.14 -22.79 -5.01
N VAL B 147 -23.02 -22.81 -6.02
CA VAL B 147 -22.85 -22.02 -7.23
C VAL B 147 -23.64 -20.71 -7.17
N VAL B 148 -22.95 -19.59 -7.17
CA VAL B 148 -23.63 -18.31 -7.28
C VAL B 148 -23.34 -17.72 -8.64
N VAL B 149 -24.37 -17.25 -9.32
CA VAL B 149 -24.19 -16.63 -10.62
C VAL B 149 -24.99 -15.36 -10.63
N ASP B 150 -24.38 -14.29 -11.12
CA ASP B 150 -25.13 -13.05 -11.32
C ASP B 150 -26.02 -13.17 -12.55
N GLY B 151 -27.24 -12.68 -12.41
CA GLY B 151 -28.20 -12.76 -13.50
C GLY B 151 -27.74 -12.06 -14.76
N MET B 152 -27.42 -10.78 -14.64
CA MET B 152 -27.16 -9.95 -15.82
C MET B 152 -25.78 -10.14 -16.52
N THR B 153 -24.71 -10.15 -15.74
CA THR B 153 -23.37 -10.33 -16.29
C THR B 153 -23.04 -11.78 -16.51
N GLY B 154 -23.65 -12.66 -15.72
CA GLY B 154 -23.30 -14.06 -15.74
C GLY B 154 -22.07 -14.35 -14.91
N PHE B 155 -21.72 -13.40 -14.04
CA PHE B 155 -20.54 -13.60 -13.21
C PHE B 155 -20.78 -14.71 -12.20
N THR B 156 -19.75 -15.50 -11.93
CA THR B 156 -19.90 -16.71 -11.12
C THR B 156 -18.95 -16.80 -9.92
N TRP B 157 -19.53 -17.13 -8.77
CA TRP B 157 -18.79 -17.37 -7.56
C TRP B 157 -19.02 -18.80 -7.12
N LEU B 158 -17.94 -19.56 -6.90
CA LEU B 158 -18.06 -20.93 -6.36
C LEU B 158 -17.53 -20.99 -4.94
N TYR B 159 -18.19 -21.79 -4.11
CA TYR B 159 -17.78 -21.93 -2.73
C TYR B 159 -17.84 -23.39 -2.36
N PRO B 160 -16.69 -23.99 -2.06
CA PRO B 160 -16.66 -25.40 -1.65
C PRO B 160 -17.16 -25.54 -0.23
N THR B 161 -18.24 -26.28 -0.09
CA THR B 161 -18.84 -26.49 1.20
C THR B 161 -18.84 -27.98 1.46
N LYS B 162 -18.86 -28.35 2.73
CA LYS B 162 -18.76 -29.74 3.14
C LYS B 162 -20.10 -30.44 3.06
N ALA B 163 -21.17 -29.65 2.99
CA ALA B 163 -22.54 -30.16 2.85
C ALA B 163 -23.40 -29.04 2.30
N PRO B 164 -24.56 -29.37 1.73
CA PRO B 164 -25.45 -28.32 1.25
C PRO B 164 -26.45 -27.95 2.33
N SER B 165 -25.97 -27.73 3.56
CA SER B 165 -26.81 -27.18 4.62
C SER B 165 -26.99 -25.68 4.44
N THR B 166 -27.98 -25.12 5.12
CA THR B 166 -28.15 -23.69 5.17
C THR B 166 -26.87 -23.05 5.78
N SER B 167 -26.32 -23.71 6.81
CA SER B 167 -25.10 -23.23 7.48
C SER B 167 -23.89 -23.06 6.57
N ALA B 168 -23.65 -24.02 5.69
CA ALA B 168 -22.53 -23.86 4.78
C ALA B 168 -22.90 -22.77 3.77
N THR B 169 -24.18 -22.74 3.37
CA THR B 169 -24.69 -21.73 2.44
C THR B 169 -24.55 -20.32 2.99
N VAL B 170 -24.96 -20.16 4.24
CA VAL B 170 -24.90 -18.88 4.93
C VAL B 170 -23.45 -18.42 5.08
N LYS B 171 -22.59 -19.34 5.51
CA LYS B 171 -21.18 -19.05 5.69
C LYS B 171 -20.57 -18.53 4.40
N SER B 172 -20.89 -19.20 3.28
CA SER B 172 -20.35 -18.82 1.97
C SER B 172 -20.92 -17.50 1.47
N LEU B 173 -22.23 -17.35 1.54
CA LEU B 173 -22.88 -16.11 1.14
C LEU B 173 -22.50 -14.96 2.05
N ASN B 174 -22.17 -15.28 3.31
CA ASN B 174 -21.69 -14.26 4.23
C ASN B 174 -20.38 -13.65 3.73
N VAL B 175 -19.61 -14.47 3.03
CA VAL B 175 -18.42 -13.99 2.34
C VAL B 175 -18.83 -13.10 1.17
N LEU B 176 -19.72 -13.61 0.33
CA LEU B 176 -20.12 -12.86 -0.86
C LEU B 176 -20.76 -11.57 -0.43
N THR B 177 -21.76 -11.63 0.44
CA THR B 177 -22.49 -10.44 0.85
C THR B 177 -21.64 -9.43 1.64
N SER B 178 -20.33 -9.66 1.71
CA SER B 178 -19.37 -8.68 2.24
C SER B 178 -18.85 -7.81 1.08
N ILE B 179 -18.87 -8.42 -0.10
CA ILE B 179 -18.39 -7.82 -1.34
C ILE B 179 -19.53 -7.10 -2.04
N ALA B 180 -20.64 -7.81 -2.20
CA ALA B 180 -21.83 -7.24 -2.82
C ALA B 180 -23.08 -7.92 -2.28
N ILE B 181 -24.21 -7.22 -2.36
CA ILE B 181 -25.46 -7.78 -1.88
C ILE B 181 -26.49 -7.63 -2.98
N PRO B 182 -27.13 -8.75 -3.35
CA PRO B 182 -28.08 -8.80 -4.47
C PRO B 182 -29.49 -8.45 -4.02
N LYS B 183 -30.28 -7.91 -4.93
CA LYS B 183 -31.69 -7.66 -4.62
C LYS B 183 -32.43 -8.97 -4.38
N VAL B 184 -32.28 -9.90 -5.32
CA VAL B 184 -32.97 -11.18 -5.22
C VAL B 184 -31.98 -12.34 -5.19
N ILE B 185 -32.25 -13.34 -4.36
CA ILE B 185 -31.57 -14.63 -4.53
C ILE B 185 -32.56 -15.66 -5.01
N HIS B 186 -32.33 -16.14 -6.23
CA HIS B 186 -33.20 -17.11 -6.87
C HIS B 186 -32.59 -18.51 -6.78
N SER B 187 -33.37 -19.47 -6.26
CA SER B 187 -32.92 -20.85 -6.15
C SER B 187 -34.01 -21.84 -6.46
N ASP B 188 -33.68 -23.14 -6.42
CA ASP B 188 -34.72 -24.19 -6.37
C ASP B 188 -35.13 -24.47 -4.90
N GLN B 189 -35.86 -25.54 -4.68
CA GLN B 189 -36.47 -25.73 -3.37
C GLN B 189 -35.71 -26.70 -2.48
N GLY B 190 -34.39 -26.76 -2.69
CA GLY B 190 -33.52 -27.48 -1.78
C GLY B 190 -33.70 -27.05 -0.32
N ALA B 191 -33.57 -28.02 0.58
CA ALA B 191 -33.70 -27.76 2.01
C ALA B 191 -32.76 -26.66 2.46
N ALA B 192 -31.60 -26.59 1.82
CA ALA B 192 -30.61 -25.57 2.12
C ALA B 192 -31.18 -24.17 1.89
N PHE B 193 -32.09 -24.05 0.91
CA PHE B 193 -32.52 -22.74 0.46
C PHE B 193 -33.87 -22.38 1.04
N THR B 194 -34.58 -23.37 1.58
CA THR B 194 -35.97 -23.14 2.03
C THR B 194 -36.14 -23.19 3.53
N SER B 195 -35.05 -23.40 4.25
CA SER B 195 -35.06 -23.35 5.70
C SER B 195 -35.66 -22.05 6.21
N SER B 196 -36.19 -22.07 7.43
CA SER B 196 -36.70 -20.86 8.07
C SER B 196 -35.54 -19.92 8.29
N THR B 197 -34.42 -20.51 8.70
CA THR B 197 -33.18 -19.79 8.93
C THR B 197 -32.78 -18.98 7.72
N PHE B 198 -32.74 -19.64 6.56
CA PHE B 198 -32.25 -18.95 5.39
C PHE B 198 -33.16 -17.76 5.08
N ALA B 199 -34.47 -17.94 5.24
CA ALA B 199 -35.37 -16.81 5.09
C ALA B 199 -35.00 -15.67 6.06
N GLU B 200 -34.81 -15.99 7.34
CA GLU B 200 -34.44 -14.98 8.33
C GLU B 200 -33.10 -14.38 7.94
N TRP B 201 -32.23 -15.19 7.35
CA TRP B 201 -30.95 -14.70 6.88
C TRP B 201 -31.10 -13.63 5.79
N ALA B 202 -31.91 -13.92 4.77
CA ALA B 202 -32.13 -12.97 3.67
C ALA B 202 -32.88 -11.73 4.10
N LYS B 203 -33.85 -11.90 5.01
CA LYS B 203 -34.66 -10.78 5.45
C LYS B 203 -33.79 -9.68 6.09
N GLU B 204 -32.88 -10.09 6.98
CA GLU B 204 -32.02 -9.15 7.71
C GLU B 204 -31.19 -8.27 6.78
N ARG B 205 -30.90 -8.79 5.59
CA ARG B 205 -30.06 -8.08 4.63
C ARG B 205 -30.85 -7.43 3.51
N GLY B 206 -32.17 -7.59 3.54
CA GLY B 206 -33.04 -6.97 2.55
C GLY B 206 -33.03 -7.67 1.20
N ILE B 207 -32.45 -8.86 1.15
CA ILE B 207 -32.48 -9.69 -0.05
C ILE B 207 -33.83 -10.40 -0.16
N HIS B 208 -34.44 -10.33 -1.34
CA HIS B 208 -35.65 -11.13 -1.60
C HIS B 208 -35.30 -12.55 -2.04
N LEU B 209 -36.06 -13.52 -1.54
CA LEU B 209 -35.89 -14.92 -1.95
C LEU B 209 -36.96 -15.38 -2.94
N GLU B 210 -36.61 -15.54 -4.22
CA GLU B 210 -37.51 -16.15 -5.22
C GLU B 210 -37.16 -17.62 -5.44
N PHE B 211 -38.19 -18.45 -5.64
CA PHE B 211 -37.95 -19.88 -5.82
C PHE B 211 -38.47 -20.42 -7.15
N SER B 212 -37.72 -21.33 -7.75
CA SER B 212 -38.21 -22.04 -8.93
C SER B 212 -39.28 -23.02 -8.46
N THR B 213 -40.34 -23.14 -9.24
CA THR B 213 -41.37 -24.15 -9.00
C THR B 213 -40.71 -25.52 -8.97
N PRO B 214 -41.04 -26.36 -7.97
CA PRO B 214 -40.38 -27.66 -7.83
C PRO B 214 -40.45 -28.48 -9.13
N TYR B 215 -39.40 -29.23 -9.41
CA TYR B 215 -39.31 -30.04 -10.64
C TYR B 215 -39.41 -29.24 -11.94
N HIS B 216 -39.01 -27.96 -11.90
CA HIS B 216 -39.13 -27.07 -13.07
C HIS B 216 -38.18 -25.89 -13.01
N PRO B 217 -36.88 -26.11 -13.29
CA PRO B 217 -35.85 -25.07 -13.20
C PRO B 217 -36.24 -23.81 -13.98
N GLN B 218 -36.18 -22.64 -13.33
CA GLN B 218 -36.60 -21.39 -13.96
C GLN B 218 -35.49 -20.35 -13.85
N SER B 219 -34.26 -20.75 -14.19
CA SER B 219 -33.14 -19.81 -14.21
C SER B 219 -33.32 -18.81 -15.35
N SER B 220 -32.45 -18.90 -16.35
CA SER B 220 -32.53 -18.09 -17.56
C SER B 220 -31.53 -18.63 -18.59
N GLY B 221 -31.71 -18.25 -19.85
CA GLY B 221 -30.83 -18.70 -20.91
C GLY B 221 -29.37 -18.52 -20.57
N LYS B 222 -29.01 -17.33 -20.09
CA LYS B 222 -27.64 -17.04 -19.73
C LYS B 222 -27.14 -17.96 -18.64
N VAL B 223 -27.94 -18.08 -17.57
CA VAL B 223 -27.59 -18.94 -16.46
C VAL B 223 -27.65 -20.42 -16.85
N GLU B 224 -28.71 -20.83 -17.57
CA GLU B 224 -28.86 -22.22 -18.00
C GLU B 224 -27.56 -22.75 -18.60
N ARG B 225 -27.05 -22.02 -19.60
CA ARG B 225 -25.78 -22.32 -20.22
C ARG B 225 -24.61 -22.16 -19.26
N LYS B 226 -24.75 -21.25 -18.29
CA LYS B 226 -23.65 -21.01 -17.36
C LYS B 226 -23.35 -22.22 -16.47
N ASN B 227 -24.38 -22.78 -15.86
CA ASN B 227 -24.20 -23.94 -14.98
C ASN B 227 -23.90 -25.13 -15.87
N SER B 228 -24.38 -25.05 -17.11
CA SER B 228 -23.96 -25.97 -18.14
C SER B 228 -22.45 -25.82 -18.24
N ASP B 229 -21.99 -24.60 -18.52
CA ASP B 229 -20.56 -24.33 -18.67
C ASP B 229 -19.76 -24.76 -17.42
N ILE B 230 -20.34 -24.57 -16.24
CA ILE B 230 -19.73 -25.01 -14.97
C ILE B 230 -19.69 -26.52 -14.84
N LYS B 231 -20.83 -27.19 -15.05
CA LYS B 231 -20.83 -28.65 -14.93
C LYS B 231 -19.86 -29.28 -15.96
N ARG B 232 -19.89 -28.79 -17.20
CA ARG B 232 -18.92 -29.21 -18.22
C ARG B 232 -17.48 -28.91 -17.78
N LEU B 233 -17.29 -27.78 -17.12
CA LEU B 233 -15.98 -27.39 -16.59
C LEU B 233 -15.57 -28.34 -15.46
N LEU B 234 -16.52 -28.64 -14.58
CA LEU B 234 -16.25 -29.45 -13.41
C LEU B 234 -15.91 -30.87 -13.80
N THR B 235 -16.55 -31.33 -14.85
CA THR B 235 -16.35 -32.70 -15.35
C THR B 235 -14.90 -32.98 -15.74
N LYS B 236 -14.31 -32.07 -16.50
CA LYS B 236 -12.91 -32.14 -16.91
C LYS B 236 -12.01 -32.41 -15.70
N LEU B 237 -12.34 -31.81 -14.57
CA LEU B 237 -11.56 -31.95 -13.33
C LEU B 237 -11.68 -33.34 -12.73
N LEU B 238 -12.89 -33.90 -12.73
CA LEU B 238 -13.10 -35.27 -12.26
C LEU B 238 -12.29 -36.27 -13.09
N VAL B 239 -12.24 -36.04 -14.40
CA VAL B 239 -11.44 -36.84 -15.33
C VAL B 239 -9.95 -36.64 -15.07
N GLY B 240 -9.46 -35.42 -15.30
CA GLY B 240 -8.05 -35.09 -15.11
C GLY B 240 -7.52 -35.24 -13.69
N ARG B 241 -8.17 -34.58 -12.73
CA ARG B 241 -7.69 -34.55 -11.34
C ARG B 241 -8.72 -35.13 -10.36
N PRO B 242 -8.60 -36.43 -10.04
CA PRO B 242 -9.60 -37.24 -9.32
C PRO B 242 -9.98 -36.72 -7.93
N THR B 243 -9.10 -35.95 -7.31
CA THR B 243 -9.35 -35.43 -5.96
C THR B 243 -8.57 -34.14 -5.72
N LYS B 244 -8.28 -33.44 -6.80
CA LYS B 244 -7.56 -32.16 -6.74
C LYS B 244 -8.45 -31.04 -7.26
N TRP B 245 -9.74 -31.34 -7.42
CA TRP B 245 -10.67 -30.33 -7.92
C TRP B 245 -10.82 -29.15 -6.96
N TYR B 246 -10.81 -29.42 -5.66
CA TYR B 246 -10.94 -28.38 -4.65
C TYR B 246 -9.97 -27.23 -4.89
N ASP B 247 -8.69 -27.57 -4.93
CA ASP B 247 -7.62 -26.62 -5.13
C ASP B 247 -7.78 -25.77 -6.40
N LEU B 248 -8.55 -26.24 -7.38
CA LEU B 248 -8.61 -25.58 -8.69
C LEU B 248 -9.88 -24.76 -8.89
N LEU B 249 -10.75 -24.76 -7.88
CA LEU B 249 -11.96 -23.94 -7.90
C LEU B 249 -11.72 -22.49 -8.31
N PRO B 250 -10.63 -21.85 -7.81
CA PRO B 250 -10.34 -20.48 -8.24
C PRO B 250 -10.14 -20.32 -9.75
N VAL B 251 -9.35 -21.20 -10.36
CA VAL B 251 -9.07 -21.16 -11.80
C VAL B 251 -10.35 -21.38 -12.63
N VAL B 252 -11.14 -22.38 -12.23
CA VAL B 252 -12.44 -22.65 -12.83
C VAL B 252 -13.28 -21.39 -12.84
N GLN B 253 -13.33 -20.78 -11.67
CA GLN B 253 -14.07 -19.58 -11.43
C GLN B 253 -13.52 -18.48 -12.33
N LEU B 254 -12.21 -18.50 -12.59
CA LEU B 254 -11.61 -17.49 -13.47
C LEU B 254 -12.08 -17.68 -14.90
N ALA B 255 -11.86 -18.88 -15.44
CA ALA B 255 -12.41 -19.25 -16.74
C ALA B 255 -13.87 -18.85 -16.89
N LEU B 256 -14.74 -19.41 -16.03
CA LEU B 256 -16.16 -19.11 -16.06
C LEU B 256 -16.42 -17.61 -16.19
N ASN B 257 -15.58 -16.85 -15.51
CA ASN B 257 -15.73 -15.42 -15.53
C ASN B 257 -14.96 -14.75 -16.67
N ASN B 258 -14.12 -15.55 -17.35
CA ASN B 258 -13.37 -15.04 -18.50
C ASN B 258 -13.73 -15.59 -19.89
N THR B 259 -14.56 -16.63 -19.94
CA THR B 259 -15.12 -17.12 -21.22
C THR B 259 -15.93 -16.00 -21.85
N TYR B 260 -15.82 -15.84 -23.16
CA TYR B 260 -16.58 -14.79 -23.83
C TYR B 260 -18.05 -15.17 -23.90
N SER B 261 -18.81 -14.40 -24.65
CA SER B 261 -20.23 -14.66 -24.79
C SER B 261 -20.61 -14.43 -26.24
N PRO B 262 -21.60 -15.19 -26.72
CA PRO B 262 -22.22 -14.90 -28.02
C PRO B 262 -23.19 -13.72 -27.87
N VAL B 263 -24.35 -13.96 -27.27
CA VAL B 263 -25.45 -12.98 -27.19
C VAL B 263 -24.98 -11.58 -26.79
N LEU B 264 -24.01 -11.54 -25.88
CA LEU B 264 -23.34 -10.29 -25.53
C LEU B 264 -21.88 -10.40 -26.03
N LYS B 265 -21.29 -9.29 -26.45
CA LYS B 265 -19.92 -9.32 -26.97
C LYS B 265 -18.86 -9.50 -25.88
N TYR B 266 -19.30 -9.57 -24.62
CA TYR B 266 -18.39 -9.47 -23.48
C TYR B 266 -18.34 -10.69 -22.58
N THR B 267 -17.23 -10.81 -21.85
CA THR B 267 -17.12 -11.74 -20.74
C THR B 267 -17.54 -10.99 -19.49
N PRO B 268 -18.05 -11.73 -18.47
CA PRO B 268 -18.53 -11.16 -17.20
C PRO B 268 -17.54 -10.17 -16.56
N HIS B 269 -16.26 -10.55 -16.52
CA HIS B 269 -15.21 -9.70 -15.97
C HIS B 269 -15.08 -8.35 -16.67
N GLN B 270 -15.82 -8.17 -17.76
CA GLN B 270 -15.82 -6.92 -18.48
C GLN B 270 -17.15 -6.28 -18.21
N LEU B 271 -18.09 -7.11 -17.79
CA LEU B 271 -19.45 -6.63 -17.62
C LEU B 271 -19.61 -6.21 -16.19
N LEU B 272 -18.96 -6.95 -15.29
CA LEU B 272 -19.02 -6.66 -13.87
C LEU B 272 -18.06 -5.53 -13.51
N PHE B 273 -16.94 -5.44 -14.19
CA PHE B 273 -15.97 -4.43 -13.83
C PHE B 273 -15.81 -3.36 -14.88
N GLY B 274 -16.16 -3.67 -16.13
CA GLY B 274 -16.03 -2.71 -17.22
C GLY B 274 -14.61 -2.59 -17.77
N ILE B 275 -13.81 -3.62 -17.60
CA ILE B 275 -12.41 -3.60 -17.97
C ILE B 275 -11.98 -4.93 -18.57
N ASP B 276 -10.95 -4.93 -19.40
CA ASP B 276 -10.43 -6.21 -19.87
C ASP B 276 -9.73 -6.90 -18.70
N SER B 277 -9.80 -8.22 -18.67
CA SER B 277 -9.16 -9.03 -17.64
C SER B 277 -7.66 -9.11 -17.88
N ASN B 278 -6.90 -9.47 -16.84
CA ASN B 278 -5.48 -9.71 -17.01
C ASN B 278 -5.26 -11.22 -16.99
N THR B 279 -6.36 -11.95 -17.07
CA THR B 279 -6.36 -13.41 -17.21
C THR B 279 -7.42 -13.93 -18.19
N PRO B 280 -7.33 -13.53 -19.49
CA PRO B 280 -8.41 -13.89 -20.44
C PRO B 280 -8.30 -15.30 -21.01
N PHE B 281 -9.43 -15.85 -21.46
CA PHE B 281 -9.47 -17.18 -22.08
C PHE B 281 -10.19 -17.15 -23.43
#